data_7NN2
#
_entry.id   7NN2
#
_cell.length_a   82.410
_cell.length_b   112.042
_cell.length_c   62.788
_cell.angle_alpha   90.000
_cell.angle_beta   90.000
_cell.angle_gamma   90.000
#
_symmetry.space_group_name_H-M   'C 2 2 21'
#
loop_
_entity.id
_entity.type
_entity.pdbx_description
1 polymer '14-3-3 protein sigma'
2 polymer 'Amot-p130 phosphopeptide (pS175)'
3 non-polymer 7-(6-azanyl-5-methyl-pyridin-2-yl)-1-benzothiophene-2-carboximidamide
4 non-polymer 'CALCIUM ION'
5 non-polymer 'CHLORIDE ION'
6 water water
#
loop_
_entity_poly.entity_id
_entity_poly.type
_entity_poly.pdbx_seq_one_letter_code
_entity_poly.pdbx_strand_id
1 'polypeptide(L)'
;GAMGSMERASLIQKAKLAEQAERYEDMAAFMKGAVEKGEELS(CSO)EERNLLSVAYKNVVGGQRAAWRVLSSIEQKSNE
EGSEEKGPEVREYREKVETELQGVCDTVLGLLDSHLIKEAGDAESRVFYLKMKGDYYRYLAEVATGDDKKRIIDSARSAY
QEAMDISKKEMPPTNPIRLGLALNFSVFHYEIANSPEEAISLAKTTFDEAMADLHTLSEDSYKDSTLIMQLLRDNLTLWT
ADNAGEEGGEAPQEPQS
;
A
2 'polypeptide(L)' GHVRSL(SEP)ERLMQM P
#
# COMPACT_ATOMS: atom_id res chain seq x y z
N GLY A 1 -16.97 17.82 -1.83
CA GLY A 1 -17.11 17.29 -0.44
C GLY A 1 -16.95 18.37 0.61
N ALA A 2 -16.89 17.96 1.89
CA ALA A 2 -16.82 18.92 2.98
C ALA A 2 -15.53 19.74 2.98
N MET A 3 -14.53 19.34 2.19
CA MET A 3 -13.30 20.13 2.08
C MET A 3 -13.28 21.04 0.87
N GLY A 4 -14.37 21.10 0.13
CA GLY A 4 -14.40 21.90 -1.08
C GLY A 4 -14.18 23.39 -0.86
N SER A 5 -14.51 23.90 0.32
CA SER A 5 -14.32 25.32 0.58
C SER A 5 -12.93 25.67 1.14
N MET A 6 -12.08 24.68 1.45
CA MET A 6 -10.78 24.96 2.03
C MET A 6 -9.70 25.03 0.95
N GLU A 7 -8.79 25.99 1.07
CA GLU A 7 -7.67 26.12 0.15
C GLU A 7 -6.82 24.84 0.13
N ARG A 8 -6.29 24.52 -1.05
CA ARG A 8 -5.38 23.38 -1.18
C ARG A 8 -4.23 23.48 -0.19
N ALA A 9 -3.55 24.64 -0.13
CA ALA A 9 -2.40 24.77 0.77
C ALA A 9 -2.79 24.56 2.23
N SER A 10 -3.97 25.04 2.63
CA SER A 10 -4.47 24.84 4.00
C SER A 10 -4.75 23.38 4.30
N LEU A 11 -5.33 22.65 3.34
CA LEU A 11 -5.54 21.21 3.50
C LEU A 11 -4.21 20.47 3.72
N ILE A 12 -3.19 20.80 2.94
CA ILE A 12 -1.89 20.16 3.11
C ILE A 12 -1.30 20.51 4.47
N GLN A 13 -1.38 21.79 4.85
CA GLN A 13 -0.87 22.19 6.16
C GLN A 13 -1.56 21.43 7.28
N LYS A 14 -2.90 21.32 7.19
CA LYS A 14 -3.65 20.61 8.23
C LYS A 14 -3.40 19.11 8.19
N ALA A 15 -3.15 18.51 7.01
CA ALA A 15 -2.76 17.11 6.98
C ALA A 15 -1.49 16.87 7.78
N LYS A 16 -0.52 17.79 7.66
CA LYS A 16 0.74 17.64 8.40
C LYS A 16 0.53 17.81 9.89
N LEU A 17 -0.36 18.73 10.27
CA LEU A 17 -0.73 18.88 11.68
C LEU A 17 -1.40 17.63 12.22
N ALA A 18 -2.36 17.09 11.46
CA ALA A 18 -3.05 15.88 11.89
C ALA A 18 -2.07 14.72 12.06
N GLU A 19 -1.08 14.61 11.19
CA GLU A 19 -0.05 13.59 11.37
C GLU A 19 0.65 13.77 12.72
N GLN A 20 1.04 15.01 13.03
CA GLN A 20 1.73 15.26 14.28
C GLN A 20 0.86 14.91 15.48
N ALA A 21 -0.44 15.12 15.36
CA ALA A 21 -1.41 14.83 16.41
C ALA A 21 -1.92 13.39 16.37
N GLU A 22 -1.41 12.57 15.46
CA GLU A 22 -1.84 11.17 15.29
C GLU A 22 -3.34 11.09 15.07
N ARG A 23 -3.86 12.03 14.27
CA ARG A 23 -5.27 12.08 13.89
C ARG A 23 -5.37 11.67 12.43
N TYR A 24 -5.25 10.36 12.18
CA TYR A 24 -5.10 9.89 10.81
C TYR A 24 -6.38 9.91 10.02
N GLU A 25 -7.55 9.75 10.65
CA GLU A 25 -8.80 9.94 9.90
C GLU A 25 -8.90 11.36 9.35
N ASP A 26 -8.64 12.37 10.21
CA ASP A 26 -8.58 13.75 9.75
C ASP A 26 -7.54 13.91 8.63
N MET A 27 -6.35 13.36 8.83
CA MET A 27 -5.29 13.50 7.84
C MET A 27 -5.76 12.99 6.48
N ALA A 28 -6.43 11.84 6.45
CA ALA A 28 -6.92 11.27 5.21
C ALA A 28 -7.99 12.16 4.57
N ALA A 29 -8.91 12.68 5.38
CA ALA A 29 -9.94 13.56 4.84
C ALA A 29 -9.32 14.81 4.24
N PHE A 30 -8.30 15.36 4.90
CA PHE A 30 -7.64 16.54 4.37
C PHE A 30 -6.95 16.23 3.04
N MET A 31 -6.24 15.11 2.98
CA MET A 31 -5.55 14.75 1.75
C MET A 31 -6.52 14.35 0.65
N LYS A 32 -7.64 13.70 0.98
CA LYS A 32 -8.68 13.49 -0.03
C LYS A 32 -9.15 14.81 -0.59
N GLY A 33 -9.41 15.79 0.29
CA GLY A 33 -9.78 17.12 -0.17
C GLY A 33 -8.73 17.75 -1.08
N ALA A 34 -7.45 17.58 -0.75
CA ALA A 34 -6.38 18.14 -1.58
C ALA A 34 -6.35 17.48 -2.96
N VAL A 35 -6.48 16.16 -3.01
CA VAL A 35 -6.53 15.46 -4.30
C VAL A 35 -7.67 15.99 -5.15
N GLU A 36 -8.84 16.16 -4.53
CA GLU A 36 -10.03 16.58 -5.25
C GLU A 36 -9.94 18.00 -5.79
N LYS A 37 -8.91 18.77 -5.42
CA LYS A 37 -8.69 20.05 -6.09
C LYS A 37 -8.31 19.87 -7.56
N GLY A 38 -7.87 18.68 -7.95
CA GLY A 38 -7.61 18.37 -9.35
C GLY A 38 -6.18 18.55 -9.80
N GLU A 39 -5.32 19.15 -9.00
CA GLU A 39 -3.93 19.31 -9.37
C GLU A 39 -3.14 18.03 -9.01
N GLU A 40 -2.09 17.78 -9.79
CA GLU A 40 -1.21 16.67 -9.45
C GLU A 40 -0.58 16.90 -8.06
N LEU A 41 -0.09 15.82 -7.46
CA LEU A 41 0.54 15.85 -6.15
C LEU A 41 2.05 15.79 -6.27
N SER A 42 2.72 16.57 -5.43
CA SER A 42 4.18 16.49 -5.28
C SER A 42 4.61 15.21 -4.57
N GLU A 44 6.13 14.85 -1.73
CA GLU A 44 5.78 14.92 -0.32
C GLU A 44 4.29 14.71 -0.12
N GLU A 45 3.50 15.35 -0.98
CA GLU A 45 2.03 15.23 -0.90
C GLU A 45 1.57 13.78 -1.16
N ARG A 46 2.17 13.09 -2.13
CA ARG A 46 1.84 11.69 -2.36
C ARG A 46 2.09 10.87 -1.10
N ASN A 47 3.20 11.15 -0.42
CA ASN A 47 3.49 10.37 0.77
C ASN A 47 2.56 10.73 1.92
N LEU A 48 2.10 11.98 2.02
CA LEU A 48 1.11 12.32 3.04
C LEU A 48 -0.20 11.56 2.81
N LEU A 49 -0.61 11.47 1.54
CA LEU A 49 -1.81 10.71 1.19
C LEU A 49 -1.67 9.26 1.62
N SER A 50 -0.53 8.64 1.25
CA SER A 50 -0.28 7.25 1.59
C SER A 50 -0.23 7.01 3.09
N VAL A 51 0.53 7.83 3.83
CA VAL A 51 0.62 7.68 5.29
C VAL A 51 -0.76 7.74 5.93
N ALA A 52 -1.59 8.71 5.51
CA ALA A 52 -2.89 8.87 6.13
C ALA A 52 -3.74 7.62 5.94
N TYR A 53 -3.91 7.18 4.71
CA TYR A 53 -4.80 6.06 4.47
C TYR A 53 -4.21 4.75 4.96
N LYS A 54 -2.89 4.60 4.94
CA LYS A 54 -2.27 3.37 5.46
C LYS A 54 -2.57 3.21 6.94
N ASN A 55 -2.54 4.31 7.68
CA ASN A 55 -2.84 4.27 9.10
C ASN A 55 -4.32 3.97 9.34
N VAL A 56 -5.20 4.57 8.56
CA VAL A 56 -6.64 4.30 8.72
C VAL A 56 -6.94 2.83 8.44
N VAL A 57 -6.53 2.34 7.26
CA VAL A 57 -6.85 0.98 6.87
C VAL A 57 -6.07 0.00 7.75
N GLY A 58 -4.92 0.42 8.28
CA GLY A 58 -4.16 -0.47 9.15
C GLY A 58 -4.89 -0.76 10.45
N GLY A 59 -5.51 0.26 11.04
CA GLY A 59 -6.35 0.03 12.20
C GLY A 59 -7.54 -0.87 11.90
N GLN A 60 -8.16 -0.68 10.74
CA GLN A 60 -9.29 -1.53 10.36
C GLN A 60 -8.85 -2.96 10.12
N ARG A 61 -7.69 -3.15 9.46
CA ARG A 61 -7.20 -4.52 9.22
C ARG A 61 -6.91 -5.21 10.53
N ALA A 62 -6.27 -4.52 11.47
CA ALA A 62 -5.97 -5.13 12.75
C ALA A 62 -7.24 -5.52 13.47
N ALA A 63 -8.25 -4.65 13.46
CA ALA A 63 -9.54 -4.96 14.07
C ALA A 63 -10.22 -6.13 13.39
N TRP A 64 -10.24 -6.12 12.06
CA TRP A 64 -10.86 -7.22 11.31
C TRP A 64 -10.21 -8.54 11.66
N ARG A 65 -8.89 -8.57 11.80
CA ARG A 65 -8.21 -9.83 12.13
C ARG A 65 -8.62 -10.35 13.50
N VAL A 66 -8.69 -9.46 14.48
CA VAL A 66 -9.14 -9.84 15.81
C VAL A 66 -10.52 -10.47 15.73
N LEU A 67 -11.46 -9.79 15.05
CA LEU A 67 -12.85 -10.23 15.02
C LEU A 67 -12.99 -11.52 14.21
N SER A 68 -12.29 -11.62 13.09
CA SER A 68 -12.37 -12.84 12.28
C SER A 68 -11.85 -14.04 13.06
N SER A 69 -10.81 -13.83 13.87
CA SER A 69 -10.27 -14.90 14.71
C SER A 69 -11.30 -15.36 15.74
N ILE A 70 -11.97 -14.40 16.38
CA ILE A 70 -13.03 -14.73 17.33
C ILE A 70 -14.16 -15.48 16.61
N GLU A 71 -14.50 -15.02 15.41
CA GLU A 71 -15.59 -15.63 14.66
C GLU A 71 -15.25 -17.07 14.29
N GLN A 72 -14.01 -17.31 13.89
CA GLN A 72 -13.62 -18.65 13.47
C GLN A 72 -13.61 -19.59 14.67
N LYS A 73 -13.17 -19.11 15.82
CA LYS A 73 -13.26 -19.92 17.03
C LYS A 73 -14.71 -20.32 17.32
N SER A 74 -15.62 -19.36 17.25
CA SER A 74 -17.03 -19.65 17.56
C SER A 74 -17.62 -20.71 16.64
N ASN A 75 -16.98 -20.98 15.50
CA ASN A 75 -17.45 -22.00 14.58
C ASN A 75 -16.59 -23.26 14.60
N GLU A 76 -15.87 -23.50 15.71
CA GLU A 76 -15.03 -24.69 15.85
C GLU A 76 -15.81 -25.82 16.52
N GLY A 83 -24.99 -16.58 18.86
CA GLY A 83 -25.80 -15.56 18.21
C GLY A 83 -25.05 -14.88 17.07
N PRO A 84 -25.71 -13.93 16.41
CA PRO A 84 -25.17 -13.30 15.21
C PRO A 84 -24.22 -12.14 15.45
N GLU A 85 -23.95 -11.79 16.72
CA GLU A 85 -23.28 -10.53 17.01
C GLU A 85 -21.84 -10.51 16.48
N VAL A 86 -21.10 -11.60 16.66
CA VAL A 86 -19.70 -11.61 16.20
C VAL A 86 -19.63 -11.40 14.69
N ARG A 87 -20.44 -12.15 13.94
CA ARG A 87 -20.49 -11.99 12.48
C ARG A 87 -20.94 -10.59 12.11
N GLU A 88 -21.99 -10.09 12.77
CA GLU A 88 -22.49 -8.76 12.44
C GLU A 88 -21.41 -7.71 12.59
N TYR A 89 -20.69 -7.75 13.70
CA TYR A 89 -19.70 -6.71 13.98
C TYR A 89 -18.46 -6.88 13.10
N ARG A 90 -18.03 -8.12 12.84
CA ARG A 90 -16.98 -8.32 11.83
C ARG A 90 -17.39 -7.75 10.49
N GLU A 91 -18.64 -8.00 10.08
CA GLU A 91 -19.16 -7.44 8.83
C GLU A 91 -19.16 -5.91 8.85
N LYS A 92 -19.50 -5.31 9.99
CA LYS A 92 -19.48 -3.85 10.09
C LYS A 92 -18.08 -3.30 9.83
N VAL A 93 -17.10 -3.87 10.50
CA VAL A 93 -15.72 -3.40 10.32
C VAL A 93 -15.26 -3.68 8.89
N GLU A 94 -15.59 -4.86 8.38
CA GLU A 94 -15.24 -5.23 7.01
C GLU A 94 -15.80 -4.23 6.01
N THR A 95 -17.06 -3.85 6.18
CA THR A 95 -17.69 -2.93 5.24
C THR A 95 -17.02 -1.57 5.32
N GLU A 96 -16.63 -1.14 6.51
CA GLU A 96 -15.96 0.14 6.64
C GLU A 96 -14.59 0.10 5.97
N LEU A 97 -13.86 -0.99 6.18
CA LEU A 97 -12.57 -1.20 5.53
C LEU A 97 -12.71 -1.16 4.01
N GLN A 98 -13.70 -1.87 3.47
CA GLN A 98 -13.91 -1.87 2.02
C GLN A 98 -14.25 -0.48 1.52
N GLY A 99 -15.01 0.28 2.30
CA GLY A 99 -15.31 1.65 1.89
C GLY A 99 -14.06 2.52 1.82
N VAL A 100 -13.14 2.35 2.77
CA VAL A 100 -11.89 3.10 2.72
C VAL A 100 -11.08 2.70 1.49
N CYS A 101 -10.95 1.39 1.23
CA CYS A 101 -10.23 0.95 0.04
C CYS A 101 -10.86 1.50 -1.23
N ASP A 102 -12.19 1.43 -1.33
CA ASP A 102 -12.88 1.96 -2.51
C ASP A 102 -12.62 3.46 -2.68
N THR A 103 -12.58 4.20 -1.59
CA THR A 103 -12.30 5.63 -1.67
C THR A 103 -10.92 5.88 -2.24
N VAL A 104 -9.92 5.16 -1.73
CA VAL A 104 -8.56 5.36 -2.23
C VAL A 104 -8.48 4.98 -3.71
N LEU A 105 -9.05 3.82 -4.06
CA LEU A 105 -9.03 3.38 -5.46
C LEU A 105 -9.75 4.38 -6.35
N GLY A 106 -10.81 5.00 -5.85
CA GLY A 106 -11.51 6.02 -6.60
C GLY A 106 -10.66 7.25 -6.86
N LEU A 107 -9.86 7.65 -5.88
CA LEU A 107 -8.96 8.79 -6.10
C LEU A 107 -7.90 8.45 -7.13
N LEU A 108 -7.34 7.24 -7.05
CA LEU A 108 -6.35 6.82 -8.04
C LEU A 108 -6.96 6.81 -9.44
N ASP A 109 -8.20 6.32 -9.56
CA ASP A 109 -8.85 6.24 -10.86
C ASP A 109 -9.43 7.57 -11.35
N SER A 110 -9.65 8.53 -10.45
CA SER A 110 -10.28 9.81 -10.78
C SER A 110 -9.56 10.93 -10.03
N HIS A 111 -8.38 11.36 -10.49
CA HIS A 111 -7.75 11.00 -11.77
C HIS A 111 -6.25 10.94 -11.61
N LEU A 112 -5.77 10.45 -10.46
CA LEU A 112 -4.35 10.54 -10.16
C LEU A 112 -3.51 9.75 -11.16
N ILE A 113 -3.90 8.51 -11.46
CA ILE A 113 -3.05 7.67 -12.28
C ILE A 113 -2.96 8.22 -13.70
N LYS A 114 -4.09 8.62 -14.27
CA LYS A 114 -4.06 9.00 -15.68
C LYS A 114 -3.25 10.28 -15.91
N GLU A 115 -3.10 11.12 -14.90
CA GLU A 115 -2.29 12.32 -15.05
C GLU A 115 -0.84 12.11 -14.64
N ALA A 116 -0.48 10.93 -14.14
CA ALA A 116 0.88 10.68 -13.65
C ALA A 116 1.76 10.15 -14.78
N GLY A 117 2.72 10.96 -15.18
CA GLY A 117 3.60 10.62 -16.30
C GLY A 117 5.01 10.26 -15.91
N ASP A 118 5.51 10.89 -14.85
CA ASP A 118 6.84 10.56 -14.38
C ASP A 118 6.85 9.20 -13.69
N ALA A 119 7.96 8.48 -13.83
CA ALA A 119 8.05 7.18 -13.19
C ALA A 119 7.78 7.24 -11.69
N GLU A 120 8.31 8.25 -10.99
CA GLU A 120 8.19 8.26 -9.53
C GLU A 120 6.72 8.40 -9.11
N SER A 121 5.92 9.15 -9.88
CA SER A 121 4.51 9.28 -9.52
C SER A 121 3.70 8.08 -10.02
N ARG A 122 3.93 7.66 -11.26
CA ARG A 122 3.11 6.60 -11.83
C ARG A 122 3.34 5.28 -11.09
N VAL A 123 4.60 4.94 -10.81
CA VAL A 123 4.89 3.73 -10.04
C VAL A 123 4.29 3.83 -8.64
N PHE A 124 4.40 4.99 -7.99
CA PHE A 124 3.84 5.17 -6.65
C PHE A 124 2.34 4.88 -6.65
N TYR A 125 1.61 5.45 -7.62
CA TYR A 125 0.15 5.30 -7.63
C TYR A 125 -0.26 3.87 -8.03
N LEU A 126 0.46 3.26 -8.98
CA LEU A 126 0.10 1.89 -9.38
C LEU A 126 0.38 0.91 -8.24
N LYS A 127 1.48 1.11 -7.52
CA LYS A 127 1.74 0.34 -6.30
C LYS A 127 0.61 0.51 -5.30
N MET A 128 0.18 1.76 -5.07
CA MET A 128 -0.94 2.01 -4.17
C MET A 128 -2.18 1.26 -4.61
N LYS A 129 -2.46 1.24 -5.91
CA LYS A 129 -3.61 0.52 -6.42
C LYS A 129 -3.49 -0.98 -6.13
N GLY A 130 -2.31 -1.54 -6.33
CA GLY A 130 -2.06 -2.91 -5.92
C GLY A 130 -2.29 -3.13 -4.44
N ASP A 131 -1.76 -2.22 -3.61
CA ASP A 131 -1.89 -2.35 -2.16
C ASP A 131 -3.35 -2.39 -1.73
N TYR A 132 -4.18 -1.47 -2.25
CA TYR A 132 -5.55 -1.40 -1.73
C TYR A 132 -6.42 -2.50 -2.33
N TYR A 133 -6.12 -2.99 -3.52
CA TYR A 133 -6.77 -4.22 -3.94
C TYR A 133 -6.32 -5.42 -3.11
N ARG A 134 -5.05 -5.45 -2.69
CA ARG A 134 -4.59 -6.51 -1.80
C ARG A 134 -5.36 -6.47 -0.47
N TYR A 135 -5.56 -5.28 0.10
CA TYR A 135 -6.34 -5.20 1.33
C TYR A 135 -7.78 -5.67 1.11
N LEU A 136 -8.38 -5.32 -0.03
CA LEU A 136 -9.68 -5.88 -0.36
C LEU A 136 -9.63 -7.40 -0.46
N ALA A 137 -8.57 -7.92 -1.06
CA ALA A 137 -8.43 -9.38 -1.21
C ALA A 137 -8.36 -10.08 0.14
N GLU A 138 -7.77 -9.43 1.16
CA GLU A 138 -7.58 -10.06 2.45
C GLU A 138 -8.91 -10.45 3.08
N VAL A 139 -9.98 -9.71 2.77
CA VAL A 139 -11.31 -9.95 3.34
C VAL A 139 -12.30 -10.54 2.35
N ALA A 140 -11.87 -10.78 1.12
CA ALA A 140 -12.75 -11.24 0.07
C ALA A 140 -12.94 -12.75 0.15
N THR A 141 -14.13 -13.20 -0.22
CA THR A 141 -14.45 -14.62 -0.19
C THR A 141 -15.18 -14.99 -1.48
N GLY A 142 -14.51 -15.75 -2.34
CA GLY A 142 -15.12 -16.31 -3.54
C GLY A 142 -15.70 -15.28 -4.50
N ASP A 144 -14.75 -13.86 -7.22
CA ASP A 144 -14.88 -12.47 -6.79
C ASP A 144 -13.63 -12.07 -6.03
N LYS A 145 -13.28 -12.86 -5.01
CA LYS A 145 -11.90 -12.81 -4.54
C LYS A 145 -10.95 -12.98 -5.74
N LYS A 146 -11.33 -13.78 -6.73
CA LYS A 146 -10.42 -14.01 -7.86
C LYS A 146 -10.20 -12.75 -8.69
N ARG A 147 -11.28 -12.01 -8.97
CA ARG A 147 -11.14 -10.81 -9.78
C ARG A 147 -10.42 -9.72 -8.99
N ILE A 148 -10.64 -9.66 -7.67
CA ILE A 148 -9.91 -8.70 -6.86
C ILE A 148 -8.42 -9.01 -6.86
N ILE A 149 -8.05 -10.29 -6.70
CA ILE A 149 -6.66 -10.70 -6.72
C ILE A 149 -6.02 -10.34 -8.06
N ASP A 150 -6.73 -10.59 -9.15
CA ASP A 150 -6.15 -10.28 -10.44
CA ASP A 150 -6.21 -10.27 -10.48
C ASP A 150 -6.00 -8.77 -10.65
N SER A 151 -6.88 -7.96 -10.06
CA SER A 151 -6.71 -6.51 -10.15
C SER A 151 -5.46 -6.07 -9.40
N ALA A 152 -5.24 -6.60 -8.20
CA ALA A 152 -4.01 -6.31 -7.46
C ALA A 152 -2.79 -6.73 -8.29
N ARG A 153 -2.80 -7.95 -8.81
CA ARG A 153 -1.67 -8.46 -9.57
CA ARG A 153 -1.67 -8.46 -9.57
C ARG A 153 -1.37 -7.55 -10.77
N SER A 154 -2.41 -7.17 -11.50
CA SER A 154 -2.23 -6.36 -12.70
C SER A 154 -1.59 -5.01 -12.38
N ALA A 155 -2.03 -4.37 -11.29
CA ALA A 155 -1.50 -3.06 -10.91
C ALA A 155 -0.05 -3.17 -10.49
N TYR A 156 0.25 -4.16 -9.63
CA TYR A 156 1.62 -4.40 -9.23
C TYR A 156 2.51 -4.67 -10.43
N GLN A 157 2.03 -5.49 -11.37
CA GLN A 157 2.85 -5.88 -12.52
C GLN A 157 3.17 -4.68 -13.40
N GLU A 158 2.18 -3.84 -13.67
CA GLU A 158 2.45 -2.64 -14.46
C GLU A 158 3.46 -1.76 -13.76
N ALA A 159 3.30 -1.60 -12.45
CA ALA A 159 4.24 -0.80 -11.67
C ALA A 159 5.64 -1.39 -11.73
N MET A 160 5.75 -2.71 -11.61
CA MET A 160 7.05 -3.38 -11.68
C MET A 160 7.71 -3.13 -13.03
N ASP A 161 6.95 -3.27 -14.13
CA ASP A 161 7.52 -3.12 -15.45
C ASP A 161 8.10 -1.73 -15.64
N ILE A 162 7.38 -0.68 -15.19
CA ILE A 162 7.88 0.68 -15.29
C ILE A 162 9.11 0.86 -14.40
N SER A 163 9.07 0.32 -13.17
CA SER A 163 10.13 0.57 -12.22
C SER A 163 11.44 -0.07 -12.70
N LYS A 164 11.34 -1.22 -13.34
CA LYS A 164 12.55 -1.89 -13.81
C LYS A 164 13.16 -1.14 -14.98
N LYS A 165 12.33 -0.51 -15.80
CA LYS A 165 12.83 0.25 -16.94
C LYS A 165 13.37 1.61 -16.53
N GLU A 166 12.75 2.25 -15.54
CA GLU A 166 12.93 3.69 -15.31
C GLU A 166 13.63 4.04 -14.01
N MET A 167 13.83 3.09 -13.08
CA MET A 167 14.39 3.39 -11.77
C MET A 167 15.57 2.48 -11.47
N PRO A 168 16.54 2.97 -10.71
CA PRO A 168 17.64 2.09 -10.28
C PRO A 168 17.15 1.09 -9.26
N PRO A 169 17.86 -0.03 -9.10
CA PRO A 169 17.39 -1.08 -8.20
C PRO A 169 17.33 -0.68 -6.74
N THR A 170 18.00 0.40 -6.35
CA THR A 170 17.95 0.87 -4.97
C THR A 170 16.86 1.92 -4.74
N ASN A 171 16.14 2.34 -5.77
CA ASN A 171 15.12 3.36 -5.57
C ASN A 171 14.12 2.92 -4.49
N PRO A 172 13.85 3.75 -3.48
CA PRO A 172 12.97 3.28 -2.39
C PRO A 172 11.56 2.93 -2.83
N ILE A 173 11.02 3.61 -3.84
CA ILE A 173 9.70 3.26 -4.36
C ILE A 173 9.77 1.90 -5.04
N ARG A 174 10.79 1.67 -5.86
CA ARG A 174 10.97 0.36 -6.49
C ARG A 174 11.10 -0.74 -5.45
N LEU A 175 11.88 -0.50 -4.39
CA LEU A 175 12.07 -1.48 -3.33
C LEU A 175 10.77 -1.76 -2.58
N GLY A 176 10.03 -0.71 -2.21
CA GLY A 176 8.79 -0.92 -1.49
C GLY A 176 7.73 -1.61 -2.33
N LEU A 177 7.75 -1.33 -3.64
CA LEU A 177 6.87 -2.03 -4.57
C LEU A 177 7.21 -3.52 -4.61
N ALA A 178 8.49 -3.85 -4.80
CA ALA A 178 8.88 -5.25 -4.87
C ALA A 178 8.58 -5.96 -3.56
N LEU A 179 8.85 -5.31 -2.43
CA LEU A 179 8.48 -5.84 -1.13
C LEU A 179 7.00 -6.19 -1.07
N ASN A 180 6.12 -5.22 -1.39
CA ASN A 180 4.68 -5.47 -1.27
C ASN A 180 4.18 -6.49 -2.28
N PHE A 181 4.76 -6.53 -3.48
CA PHE A 181 4.37 -7.54 -4.45
C PHE A 181 4.80 -8.93 -3.96
N SER A 182 5.95 -9.00 -3.29
CA SER A 182 6.34 -10.29 -2.72
C SER A 182 5.38 -10.73 -1.62
N VAL A 183 4.92 -9.78 -0.78
CA VAL A 183 3.90 -10.09 0.22
C VAL A 183 2.61 -10.54 -0.45
N PHE A 184 2.20 -9.87 -1.53
CA PHE A 184 1.05 -10.32 -2.30
C PHE A 184 1.23 -11.79 -2.72
N HIS A 185 2.40 -12.13 -3.28
CA HIS A 185 2.59 -13.50 -3.75
C HIS A 185 2.46 -14.49 -2.59
N TYR A 186 3.07 -14.15 -1.44
CA TYR A 186 3.15 -15.10 -0.34
C TYR A 186 1.81 -15.23 0.39
N GLU A 187 1.18 -14.10 0.66
CA GLU A 187 0.02 -14.05 1.54
C GLU A 187 -1.31 -14.16 0.81
N ILE A 188 -1.39 -13.69 -0.43
CA ILE A 188 -2.66 -13.60 -1.16
C ILE A 188 -2.74 -14.64 -2.27
N ALA A 189 -1.69 -14.76 -3.08
CA ALA A 189 -1.70 -15.53 -4.32
C ALA A 189 -1.28 -16.98 -4.13
N ASN A 190 -0.95 -17.39 -2.92
CA ASN A 190 -0.51 -18.75 -2.62
C ASN A 190 0.67 -19.15 -3.49
N SER A 191 1.59 -18.21 -3.68
CA SER A 191 2.79 -18.41 -4.50
C SER A 191 4.03 -18.10 -3.68
N PRO A 192 4.30 -18.88 -2.63
CA PRO A 192 5.47 -18.58 -1.79
C PRO A 192 6.79 -18.65 -2.54
N GLU A 193 6.93 -19.52 -3.55
CA GLU A 193 8.20 -19.56 -4.27
C GLU A 193 8.40 -18.29 -5.08
N GLU A 194 7.34 -17.78 -5.70
CA GLU A 194 7.46 -16.51 -6.41
C GLU A 194 7.85 -15.39 -5.45
N ALA A 195 7.24 -15.38 -4.27
CA ALA A 195 7.57 -14.37 -3.26
C ALA A 195 9.04 -14.41 -2.87
N ILE A 196 9.55 -15.60 -2.58
CA ILE A 196 10.94 -15.78 -2.19
C ILE A 196 11.87 -15.37 -3.33
N SER A 197 11.58 -15.81 -4.55
N SER A 197 11.56 -15.82 -4.55
CA SER A 197 12.41 -15.46 -5.69
CA SER A 197 12.39 -15.47 -5.71
C SER A 197 12.46 -13.95 -5.89
C SER A 197 12.45 -13.97 -5.92
N LEU A 198 11.29 -13.30 -5.83
CA LEU A 198 11.26 -11.86 -6.02
C LEU A 198 12.06 -11.15 -4.93
N ALA A 199 11.87 -11.55 -3.67
CA ALA A 199 12.58 -10.88 -2.58
C ALA A 199 14.09 -11.02 -2.72
N LYS A 200 14.55 -12.22 -3.09
CA LYS A 200 15.98 -12.48 -3.23
C LYS A 200 16.59 -11.67 -4.35
N THR A 201 15.98 -11.69 -5.54
N THR A 201 15.97 -11.70 -5.53
CA THR A 201 16.55 -10.95 -6.66
CA THR A 201 16.49 -10.98 -6.67
C THR A 201 16.49 -9.45 -6.41
C THR A 201 16.48 -9.48 -6.41
N THR A 202 15.41 -8.98 -5.79
CA THR A 202 15.34 -7.56 -5.45
C THR A 202 16.46 -7.18 -4.50
N PHE A 203 16.67 -7.99 -3.47
CA PHE A 203 17.71 -7.69 -2.47
C PHE A 203 19.09 -7.70 -3.11
N ASP A 204 19.38 -8.71 -3.92
CA ASP A 204 20.70 -8.85 -4.52
C ASP A 204 20.98 -7.73 -5.52
N GLU A 205 20.01 -7.35 -6.33
CA GLU A 205 20.24 -6.27 -7.29
C GLU A 205 20.38 -4.92 -6.58
N ALA A 206 19.70 -4.72 -5.46
CA ALA A 206 19.90 -3.48 -4.71
C ALA A 206 21.28 -3.47 -4.07
N MET A 207 21.67 -4.59 -3.47
CA MET A 207 23.00 -4.70 -2.85
C MET A 207 24.09 -4.25 -3.79
N ALA A 208 24.01 -4.70 -5.04
CA ALA A 208 25.02 -4.44 -6.05
C ALA A 208 24.99 -3.00 -6.54
N ASP A 209 23.95 -2.24 -6.23
CA ASP A 209 23.84 -0.83 -6.63
C ASP A 209 24.14 0.13 -5.47
N LEU A 210 24.34 -0.38 -4.25
CA LEU A 210 24.49 0.50 -3.10
C LEU A 210 25.71 1.41 -3.25
N HIS A 211 26.73 0.94 -3.95
CA HIS A 211 27.98 1.71 -4.05
C HIS A 211 27.78 3.05 -4.74
N THR A 212 26.68 3.22 -5.47
CA THR A 212 26.41 4.46 -6.21
C THR A 212 25.81 5.55 -5.35
N LEU A 213 25.42 5.25 -4.11
CA LEU A 213 24.54 6.08 -3.30
C LEU A 213 25.32 6.95 -2.31
N SER A 214 24.74 8.10 -2.00
CA SER A 214 25.17 8.91 -0.87
C SER A 214 24.89 8.19 0.45
N GLU A 215 25.47 8.72 1.53
CA GLU A 215 25.21 8.16 2.86
C GLU A 215 23.71 8.16 3.17
N ASP A 216 23.02 9.26 2.87
CA ASP A 216 21.61 9.34 3.21
C ASP A 216 20.75 8.39 2.36
N SER A 217 21.02 8.34 1.06
CA SER A 217 20.29 7.42 0.19
C SER A 217 20.59 5.97 0.57
N TYR A 218 21.86 5.68 0.88
CA TYR A 218 22.23 4.36 1.39
C TYR A 218 21.39 3.98 2.59
N LYS A 219 21.22 4.90 3.54
CA LYS A 219 20.39 4.61 4.71
C LYS A 219 18.94 4.31 4.31
N ASP A 220 18.39 5.10 3.39
CA ASP A 220 17.00 4.91 2.97
C ASP A 220 16.80 3.54 2.34
N SER A 221 17.69 3.18 1.40
CA SER A 221 17.57 1.92 0.67
C SER A 221 17.80 0.72 1.59
N THR A 222 18.84 0.76 2.43
CA THR A 222 19.13 -0.41 3.26
C THR A 222 18.03 -0.65 4.28
N LEU A 223 17.32 0.40 4.72
CA LEU A 223 16.22 0.18 5.67
C LEU A 223 15.14 -0.70 5.05
N ILE A 224 14.81 -0.46 3.79
CA ILE A 224 13.78 -1.27 3.12
C ILE A 224 14.31 -2.64 2.79
N MET A 225 15.58 -2.73 2.39
CA MET A 225 16.18 -4.04 2.11
C MET A 225 16.10 -4.95 3.33
N GLN A 226 16.22 -4.39 4.53
CA GLN A 226 16.14 -5.19 5.74
C GLN A 226 14.79 -5.89 5.86
N LEU A 227 13.71 -5.24 5.42
CA LEU A 227 12.40 -5.90 5.42
C LEU A 227 12.35 -7.08 4.45
N LEU A 228 12.94 -6.94 3.25
CA LEU A 228 13.08 -8.08 2.35
C LEU A 228 13.81 -9.23 3.05
N ARG A 229 14.91 -8.91 3.73
CA ARG A 229 15.69 -9.96 4.40
C ARG A 229 14.89 -10.59 5.54
N ASP A 230 14.16 -9.78 6.31
CA ASP A 230 13.37 -10.32 7.42
C ASP A 230 12.29 -11.26 6.91
N ASN A 231 11.65 -10.92 5.79
CA ASN A 231 10.67 -11.83 5.20
C ASN A 231 11.33 -13.12 4.73
N LEU A 232 12.47 -13.03 4.05
CA LEU A 232 13.17 -14.22 3.60
C LEU A 232 13.50 -15.13 4.78
N THR A 233 13.84 -14.54 5.93
CA THR A 233 14.11 -15.34 7.13
C THR A 233 12.85 -16.05 7.61
N LEU A 234 11.71 -15.35 7.57
CA LEU A 234 10.46 -15.97 7.99
C LEU A 234 10.00 -17.03 7.00
N TRP A 235 10.30 -16.85 5.71
CA TRP A 235 9.76 -17.69 4.64
C TRP A 235 10.61 -18.91 4.34
N THR A 236 11.85 -18.92 4.80
CA THR A 236 12.76 -20.01 4.57
C THR A 236 13.36 -20.45 5.90
N ARG B 4 3.08 -13.14 10.27
CA ARG B 4 2.63 -12.43 9.07
C ARG B 4 3.77 -11.65 8.41
N SER B 5 3.78 -11.64 7.08
CA SER B 5 4.87 -11.02 6.34
C SER B 5 4.89 -9.51 6.53
N LEU B 6 6.08 -8.94 6.44
CA LEU B 6 6.29 -7.51 6.63
C LEU B 6 6.11 -6.77 5.32
N GLU B 8 5.74 -2.79 3.31
CA GLU B 8 6.43 -1.50 3.29
C GLU B 8 5.95 -0.64 4.44
N ARG B 9 6.89 0.06 5.07
CA ARG B 9 6.61 0.90 6.22
C ARG B 9 6.80 2.36 5.86
N LEU B 10 6.29 3.22 6.73
CA LEU B 10 6.13 4.62 6.42
C LEU B 10 7.35 5.44 6.81
#